data_5Z00
#
_entry.id   5Z00
#
_cell.length_a   68.223
_cell.length_b   97.416
_cell.length_c   71.149
_cell.angle_alpha   90.00
_cell.angle_beta   110.19
_cell.angle_gamma   90.00
#
_symmetry.space_group_name_H-M   'P 1 21 1'
#
loop_
_entity.id
_entity.type
_entity.pdbx_description
1 polymer "DNA (5'-D(*AP*AP*TP*TP*CP*TP*GP*CP*AP*TP*GP*GP*AP*TP*T)-3')"
2 polymer "DNA (5'-D(*TP*AP*AP*TP*CP*CP*AP*TP*GP*CP*AP*GP*AP*AP*T)-3')"
3 polymer 'B3 domain-containing transcription repressor VAL1'
4 polymer "DNA (5'-D(*TP*AP*AP*TP*CP*CP*AP*TP*GP*CP*AP*GP*AP*AP*TP*T)-3')"
#
loop_
_entity_poly.entity_id
_entity_poly.type
_entity_poly.pdbx_seq_one_letter_code
_entity_poly.pdbx_strand_id
1 'polydeoxyribonucleotide' (DA)(DA)(DT)(DT)(DC)(DT)(DG)(DC)(DA)(DT)(DG)(DG)(DA)(DT)(DT) A,E,I
2 'polydeoxyribonucleotide' (DT)(DA)(DA)(DT)(DC)(DC)(DA)(DT)(DG)(DC)(DA)(DG)(DA)(DA)(DT) B,J
3 'polypeptide(L)'
;PKYTDKEVQQISGNLNLNIVPLFEKTLSASDAGRIGRLVLPKACAEAYFPPISQSEGIPLKIQDVRGREWTFQFRYWPNN
NSRMYVLEGVTPCIQSMMLQAGDTVTFSRVDPGGKLIMGSRKAANAGD
;
C,G,K,M
4 'polydeoxyribonucleotide' (DT)(DA)(DA)(DT)(DC)(DC)(DA)(DT)(DG)(DC)(DA)(DG)(DA)(DA)(DT)(DT) F
#
loop_
_chem_comp.id
_chem_comp.type
_chem_comp.name
_chem_comp.formula
DA DNA linking 2'-DEOXYADENOSINE-5'-MONOPHOSPHATE 'C10 H14 N5 O6 P'
DC DNA linking 2'-DEOXYCYTIDINE-5'-MONOPHOSPHATE 'C9 H14 N3 O7 P'
DG DNA linking 2'-DEOXYGUANOSINE-5'-MONOPHOSPHATE 'C10 H14 N5 O7 P'
DT DNA linking THYMIDINE-5'-MONOPHOSPHATE 'C10 H15 N2 O8 P'
#
# COMPACT_ATOMS: atom_id res chain seq x y z
N LEU C 15 6.14 3.61 -21.11
CA LEU C 15 6.21 2.18 -20.88
C LEU C 15 6.22 1.89 -19.38
N ASN C 16 6.54 2.93 -18.58
CA ASN C 16 6.93 2.76 -17.19
C ASN C 16 5.91 1.92 -16.41
N LEU C 17 6.42 0.91 -15.71
CA LEU C 17 5.66 -0.03 -14.91
C LEU C 17 5.49 0.45 -13.48
N ASN C 18 4.45 -0.06 -12.83
CA ASN C 18 4.05 0.40 -11.51
C ASN C 18 3.39 -0.71 -10.71
N ILE C 19 3.83 -0.87 -9.47
CA ILE C 19 3.29 -1.85 -8.54
C ILE C 19 2.26 -1.18 -7.66
N VAL C 20 1.09 -1.81 -7.48
CA VAL C 20 0.07 -1.34 -6.53
C VAL C 20 -0.29 -2.47 -5.58
N PRO C 21 -0.44 -2.21 -4.29
CA PRO C 21 -0.82 -3.28 -3.35
C PRO C 21 -2.27 -3.63 -3.54
N LEU C 22 -2.58 -4.92 -3.41
CA LEU C 22 -3.99 -5.29 -3.49
C LEU C 22 -4.55 -5.59 -2.10
N PHE C 23 -4.11 -6.66 -1.46
CA PHE C 23 -4.65 -6.96 -0.13
C PHE C 23 -3.77 -8.01 0.51
N GLU C 24 -4.06 -8.31 1.77
CA GLU C 24 -3.25 -9.26 2.55
C GLU C 24 -4.16 -10.28 3.19
N LYS C 25 -3.59 -11.43 3.54
CA LYS C 25 -4.34 -12.40 4.32
C LYS C 25 -3.40 -13.03 5.34
N THR C 26 -3.84 -13.07 6.58
CA THR C 26 -3.08 -13.69 7.63
C THR C 26 -3.55 -15.14 7.75
N LEU C 27 -2.60 -16.07 7.63
CA LEU C 27 -2.93 -17.46 7.39
C LEU C 27 -3.49 -18.12 8.65
N SER C 28 -4.69 -18.70 8.53
CA SER C 28 -5.25 -19.53 9.58
C SER C 28 -4.65 -20.92 9.52
N ALA C 29 -4.85 -21.68 10.60
CA ALA C 29 -4.35 -23.06 10.61
C ALA C 29 -4.88 -23.86 9.43
N SER C 30 -6.08 -23.54 8.93
CA SER C 30 -6.54 -24.28 7.76
C SER C 30 -5.80 -23.82 6.52
N ASP C 31 -5.53 -22.51 6.45
CA ASP C 31 -4.81 -21.93 5.33
C ASP C 31 -3.42 -22.50 5.21
N ALA C 32 -2.73 -22.66 6.33
CA ALA C 32 -1.42 -23.26 6.36
C ALA C 32 -1.44 -24.78 6.54
N GLY C 33 -2.63 -25.35 6.79
CA GLY C 33 -2.77 -26.78 6.95
C GLY C 33 -2.45 -27.56 5.68
N ARG C 34 -2.25 -28.86 5.87
CA ARG C 34 -1.94 -29.72 4.73
C ARG C 34 -3.10 -29.84 3.76
N ILE C 35 -4.25 -29.24 4.09
CA ILE C 35 -5.41 -29.36 3.22
C ILE C 35 -5.17 -28.62 1.89
N GLY C 36 -4.28 -27.63 1.88
CA GLY C 36 -3.84 -27.02 0.63
C GLY C 36 -4.73 -25.94 0.06
N ARG C 37 -5.56 -25.31 0.90
CA ARG C 37 -6.44 -24.23 0.50
C ARG C 37 -6.16 -22.98 1.31
N LEU C 38 -6.43 -21.83 0.71
CA LEU C 38 -6.29 -20.53 1.36
C LEU C 38 -7.61 -19.78 1.22
N VAL C 39 -8.19 -19.35 2.32
CA VAL C 39 -9.44 -18.62 2.27
C VAL C 39 -9.13 -17.15 2.08
N LEU C 40 -9.67 -16.54 0.99
CA LEU C 40 -9.59 -15.13 0.67
C LEU C 40 -10.81 -14.41 1.22
N PRO C 41 -10.65 -13.25 1.85
CA PRO C 41 -11.82 -12.44 2.25
C PRO C 41 -12.64 -11.96 1.05
N LYS C 42 -13.97 -12.11 1.13
CA LYS C 42 -14.81 -11.96 -0.05
C LYS C 42 -14.74 -10.54 -0.62
N ALA C 43 -14.69 -9.52 0.25
CA ALA C 43 -14.54 -8.15 -0.21
C ALA C 43 -13.29 -8.01 -1.04
N CYS C 44 -12.17 -8.55 -0.51
CA CYS C 44 -10.89 -8.45 -1.20
C CYS C 44 -10.86 -9.25 -2.51
N ALA C 45 -11.45 -10.46 -2.51
CA ALA C 45 -11.46 -11.26 -3.73
C ALA C 45 -12.20 -10.57 -4.86
N GLU C 46 -13.33 -9.93 -4.56
CA GLU C 46 -14.07 -9.32 -5.65
C GLU C 46 -13.53 -7.94 -5.98
N ALA C 47 -12.89 -7.29 -5.01
CA ALA C 47 -12.33 -5.98 -5.28
C ALA C 47 -11.10 -6.08 -6.16
N TYR C 48 -10.30 -7.13 -5.98
CA TYR C 48 -8.96 -7.10 -6.51
C TYR C 48 -8.61 -8.24 -7.44
N PHE C 49 -9.20 -9.41 -7.29
CA PHE C 49 -8.97 -10.51 -8.22
C PHE C 49 -10.01 -10.49 -9.32
N PRO C 50 -9.73 -11.12 -10.48
CA PRO C 50 -10.68 -11.04 -11.58
C PRO C 50 -12.03 -11.59 -11.16
N PRO C 51 -13.10 -11.03 -11.69
CA PRO C 51 -14.43 -11.57 -11.38
C PRO C 51 -14.59 -12.93 -12.01
N ILE C 52 -15.25 -13.82 -11.29
CA ILE C 52 -15.49 -15.17 -11.74
C ILE C 52 -16.98 -15.45 -11.63
N SER C 53 -17.54 -16.09 -12.66
CA SER C 53 -18.94 -16.47 -12.68
C SER C 53 -19.17 -17.91 -12.21
N GLN C 54 -18.41 -18.85 -12.73
CA GLN C 54 -18.61 -20.28 -12.45
C GLN C 54 -17.89 -20.65 -11.18
N SER C 55 -18.52 -21.50 -10.36
CA SER C 55 -17.87 -21.92 -9.13
C SER C 55 -16.53 -22.59 -9.40
N GLU C 56 -16.46 -23.42 -10.44
CA GLU C 56 -15.19 -23.85 -11.02
C GLU C 56 -14.43 -22.59 -11.43
N GLY C 57 -13.35 -22.29 -10.74
CA GLY C 57 -12.78 -20.95 -10.83
C GLY C 57 -12.03 -20.66 -12.11
N ILE C 58 -10.99 -19.84 -12.00
CA ILE C 58 -10.00 -19.60 -13.05
C ILE C 58 -8.62 -19.84 -12.47
N PRO C 59 -7.64 -20.24 -13.28
CA PRO C 59 -6.27 -20.25 -12.79
C PRO C 59 -5.68 -18.84 -12.75
N LEU C 60 -4.91 -18.61 -11.70
CA LEU C 60 -4.24 -17.35 -11.41
C LEU C 60 -2.78 -17.69 -11.20
N LYS C 61 -1.88 -16.88 -11.77
CA LYS C 61 -0.43 -17.09 -11.64
C LYS C 61 0.21 -15.92 -10.90
N ILE C 62 1.09 -16.20 -9.96
CA ILE C 62 1.57 -15.16 -9.07
C ILE C 62 3.04 -15.40 -8.79
N GLN C 63 3.88 -14.39 -9.03
CA GLN C 63 5.30 -14.46 -8.78
C GLN C 63 5.70 -13.76 -7.48
N ASP C 64 6.77 -14.24 -6.84
CA ASP C 64 7.36 -13.55 -5.72
C ASP C 64 8.63 -12.82 -6.13
N VAL C 65 9.26 -12.14 -5.16
CA VAL C 65 10.43 -11.31 -5.44
C VAL C 65 11.54 -12.14 -6.07
N ARG C 66 11.67 -13.39 -5.64
CA ARG C 66 12.79 -14.24 -6.01
C ARG C 66 12.53 -15.01 -7.27
N GLY C 67 11.48 -14.66 -8.00
CA GLY C 67 11.18 -15.25 -9.29
C GLY C 67 10.28 -16.48 -9.27
N ARG C 68 10.07 -17.08 -8.10
CA ARG C 68 9.33 -18.33 -8.03
C ARG C 68 7.87 -18.08 -8.35
N GLU C 69 7.41 -18.56 -9.50
CA GLU C 69 6.03 -18.40 -9.91
C GLU C 69 5.19 -19.56 -9.38
N TRP C 70 3.93 -19.26 -9.11
CA TRP C 70 2.97 -20.27 -8.70
C TRP C 70 1.74 -20.15 -9.57
N THR C 71 1.02 -21.27 -9.74
CA THR C 71 -0.29 -21.28 -10.39
C THR C 71 -1.28 -21.90 -9.40
N PHE C 72 -2.23 -21.09 -8.92
CA PHE C 72 -3.31 -21.53 -8.04
C PHE C 72 -4.62 -21.48 -8.79
N GLN C 73 -5.61 -22.22 -8.28
CA GLN C 73 -6.97 -22.10 -8.78
C GLN C 73 -7.74 -21.13 -7.88
N PHE C 74 -8.20 -20.03 -8.46
CA PHE C 74 -9.01 -19.03 -7.78
C PHE C 74 -10.46 -19.41 -8.00
N ARG C 75 -11.18 -19.61 -6.91
CA ARG C 75 -12.39 -20.40 -6.99
C ARG C 75 -13.35 -19.97 -5.88
N TYR C 76 -14.65 -20.23 -6.05
CA TYR C 76 -15.57 -19.99 -4.94
C TYR C 76 -16.46 -21.18 -4.64
N TRP C 77 -17.08 -21.11 -3.45
CA TRP C 77 -18.04 -22.07 -2.93
C TRP C 77 -19.33 -21.38 -2.51
N PRO C 78 -20.51 -21.89 -2.91
CA PRO C 78 -21.75 -21.36 -2.36
C PRO C 78 -21.74 -21.52 -0.86
N ASN C 79 -22.11 -20.46 -0.15
CA ASN C 79 -22.13 -20.43 1.32
C ASN C 79 -23.22 -19.48 1.80
N ASN C 80 -24.21 -20.01 2.54
CA ASN C 80 -25.49 -19.33 2.78
C ASN C 80 -26.05 -19.09 1.40
N ASN C 81 -26.35 -17.85 1.00
CA ASN C 81 -26.56 -17.57 -0.40
C ASN C 81 -25.32 -16.95 -1.04
N SER C 82 -24.47 -16.26 -0.27
CA SER C 82 -23.33 -15.59 -0.88
C SER C 82 -22.25 -16.62 -1.22
N ARG C 83 -21.09 -16.12 -1.59
CA ARG C 83 -19.98 -16.98 -1.97
C ARG C 83 -18.93 -16.97 -0.87
N MET C 84 -18.04 -17.96 -0.92
CA MET C 84 -16.84 -17.98 -0.09
C MET C 84 -15.67 -18.17 -1.05
N TYR C 85 -14.63 -17.34 -0.96
CA TYR C 85 -13.56 -17.42 -1.95
C TYR C 85 -12.31 -18.09 -1.41
N VAL C 86 -11.68 -18.89 -2.27
CA VAL C 86 -10.51 -19.67 -1.94
C VAL C 86 -9.51 -19.65 -3.10
N LEU C 87 -8.25 -19.79 -2.74
CA LEU C 87 -7.20 -20.24 -3.64
C LEU C 87 -6.85 -21.68 -3.28
N GLU C 88 -6.90 -22.55 -4.27
CA GLU C 88 -6.53 -23.92 -4.07
C GLU C 88 -5.16 -24.15 -4.70
N GLY C 89 -4.40 -25.07 -4.10
CA GLY C 89 -3.09 -25.42 -4.59
C GLY C 89 -1.95 -24.60 -4.03
N VAL C 90 -2.08 -24.14 -2.79
CA VAL C 90 -1.06 -23.28 -2.22
C VAL C 90 0.05 -24.05 -1.53
N THR C 91 -0.11 -25.36 -1.33
CA THR C 91 0.87 -26.13 -0.55
C THR C 91 2.28 -25.99 -1.06
N PRO C 92 2.55 -26.10 -2.36
CA PRO C 92 3.91 -25.81 -2.84
C PRO C 92 4.37 -24.45 -2.42
N CYS C 93 3.48 -23.45 -2.51
CA CYS C 93 3.84 -22.09 -2.16
C CYS C 93 4.08 -21.93 -0.66
N ILE C 94 3.14 -22.38 0.16
CA ILE C 94 3.35 -22.34 1.61
C ILE C 94 4.68 -22.96 1.96
N GLN C 95 4.83 -24.24 1.63
CA GLN C 95 6.04 -24.95 1.98
C GLN C 95 7.28 -24.19 1.53
N SER C 96 7.26 -23.70 0.29
CA SER C 96 8.47 -23.12 -0.28
C SER C 96 8.84 -21.80 0.40
N MET C 97 7.90 -20.85 0.52
CA MET C 97 8.33 -19.67 1.26
C MET C 97 8.30 -19.89 2.76
N MET C 98 8.04 -21.12 3.20
CA MET C 98 8.19 -21.51 4.60
C MET C 98 7.24 -20.72 5.51
N LEU C 99 5.94 -20.78 5.21
CA LEU C 99 4.94 -20.04 5.96
C LEU C 99 4.22 -20.94 6.95
N GLN C 100 3.87 -20.38 8.11
CA GLN C 100 3.14 -21.08 9.16
C GLN C 100 1.85 -20.34 9.42
N ALA C 101 0.96 -20.92 10.23
CA ALA C 101 -0.23 -20.18 10.58
C ALA C 101 0.17 -18.92 11.34
N GLY C 102 -0.55 -17.82 11.08
CA GLY C 102 -0.21 -16.56 11.66
C GLY C 102 0.79 -15.75 10.87
N ASP C 103 1.53 -16.37 9.94
CA ASP C 103 2.26 -15.54 8.99
C ASP C 103 1.27 -14.87 8.04
N THR C 104 1.77 -13.95 7.22
CA THR C 104 0.86 -13.20 6.35
C THR C 104 1.35 -13.25 4.92
N VAL C 105 0.43 -13.51 4.01
CA VAL C 105 0.70 -13.53 2.60
C VAL C 105 0.13 -12.26 2.02
N THR C 106 0.87 -11.59 1.14
CA THR C 106 0.35 -10.34 0.59
C THR C 106 0.34 -10.43 -0.94
N PHE C 107 -0.68 -9.82 -1.55
CA PHE C 107 -0.84 -9.79 -2.98
C PHE C 107 -0.86 -8.36 -3.45
N SER C 108 -0.06 -8.06 -4.46
CA SER C 108 -0.05 -6.75 -5.09
C SER C 108 0.02 -7.00 -6.61
N ARG C 109 0.03 -5.94 -7.41
CA ARG C 109 -0.19 -6.13 -8.85
C ARG C 109 0.64 -5.15 -9.69
N VAL C 110 1.11 -5.60 -10.85
CA VAL C 110 1.98 -4.81 -11.72
C VAL C 110 1.24 -4.39 -12.97
N ASP C 111 1.30 -3.10 -13.29
CA ASP C 111 0.69 -2.51 -14.49
C ASP C 111 1.61 -1.63 -15.33
N PRO C 112 1.43 -1.67 -16.66
CA PRO C 112 0.39 -2.42 -17.39
C PRO C 112 0.65 -3.92 -17.45
N GLY C 113 -0.43 -4.69 -17.57
CA GLY C 113 -0.34 -6.13 -17.67
C GLY C 113 -1.04 -6.88 -16.56
N GLY C 114 -1.39 -6.20 -15.47
CA GLY C 114 -2.19 -6.85 -14.45
C GLY C 114 -1.56 -8.08 -13.89
N LYS C 115 -0.22 -8.15 -13.90
CA LYS C 115 0.49 -9.30 -13.35
C LYS C 115 0.31 -9.32 -11.84
N LEU C 116 0.21 -10.51 -11.28
CA LEU C 116 -0.01 -10.66 -9.87
C LEU C 116 1.30 -11.06 -9.18
N ILE C 117 1.68 -10.32 -8.14
CA ILE C 117 2.89 -10.68 -7.39
C ILE C 117 2.54 -10.82 -5.92
N MET C 118 3.19 -11.75 -5.26
CA MET C 118 2.93 -11.97 -3.86
C MET C 118 4.20 -11.84 -3.05
N GLY C 119 4.01 -11.49 -1.79
CA GLY C 119 5.05 -11.47 -0.77
C GLY C 119 4.54 -12.12 0.52
N SER C 120 5.25 -11.92 1.62
CA SER C 120 4.90 -12.60 2.86
C SER C 120 5.71 -11.96 3.96
N ARG C 121 5.10 -11.71 5.11
CA ARG C 121 5.87 -11.35 6.29
C ARG C 121 5.60 -12.40 7.38
N LYS C 122 6.64 -12.77 8.13
CA LYS C 122 6.45 -13.74 9.21
C LYS C 122 5.84 -13.10 10.45
N ALA C 123 5.17 -13.93 11.25
CA ALA C 123 4.45 -13.43 12.42
C ALA C 123 5.43 -12.79 13.41
N ALA C 124 4.91 -11.83 14.18
CA ALA C 124 5.79 -11.02 15.00
C ALA C 124 6.54 -11.84 16.03
N ASN C 125 5.95 -12.92 16.53
CA ASN C 125 6.65 -13.78 17.49
C ASN C 125 7.01 -15.14 16.87
N LEU F 15 -25.00 -3.01 -2.28
CA LEU F 15 -23.79 -2.86 -1.49
C LEU F 15 -23.18 -1.45 -1.65
N ASN F 16 -23.61 -0.51 -0.79
CA ASN F 16 -23.14 0.86 -0.85
C ASN F 16 -21.80 0.98 -0.14
N LEU F 17 -20.78 1.48 -0.83
CA LEU F 17 -19.50 1.67 -0.17
C LEU F 17 -19.40 3.10 0.31
N ASN F 18 -18.70 3.31 1.44
CA ASN F 18 -18.59 4.67 1.94
C ASN F 18 -17.54 4.78 3.05
N ILE F 19 -16.63 5.79 2.98
CA ILE F 19 -15.72 6.13 4.08
C ILE F 19 -16.37 7.18 4.92
N VAL F 20 -16.24 7.08 6.23
CA VAL F 20 -16.57 8.18 7.12
C VAL F 20 -15.29 8.57 7.84
N PRO F 21 -14.84 9.82 7.73
CA PRO F 21 -13.69 10.26 8.52
C PRO F 21 -14.14 10.48 9.94
N LEU F 22 -13.31 10.05 10.88
CA LEU F 22 -13.63 10.17 12.28
C LEU F 22 -12.87 11.33 12.87
N PHE F 23 -11.53 11.27 12.94
CA PHE F 23 -10.84 12.35 13.63
C PHE F 23 -9.34 12.29 13.34
N GLU F 24 -8.61 13.28 13.86
CA GLU F 24 -7.17 13.41 13.67
C GLU F 24 -6.48 13.70 15.00
N LYS F 25 -5.17 13.41 15.03
CA LYS F 25 -4.31 13.75 16.17
C LYS F 25 -2.96 14.18 15.62
N THR F 26 -2.36 15.19 16.23
CA THR F 26 -1.00 15.58 15.87
C THR F 26 -0.02 14.86 16.78
N LEU F 27 0.93 14.13 16.19
CA LEU F 27 1.78 13.27 17.01
C LEU F 27 2.73 14.10 17.84
N SER F 28 2.70 13.87 19.15
CA SER F 28 3.64 14.41 20.12
C SER F 28 4.93 13.61 20.06
N ALA F 29 5.99 14.18 20.65
CA ALA F 29 7.24 13.43 20.74
C ALA F 29 7.06 12.10 21.46
N SER F 30 6.11 12.02 22.40
CA SER F 30 5.90 10.73 23.06
C SER F 30 5.19 9.73 22.16
N ASP F 31 4.23 10.19 21.34
CA ASP F 31 3.54 9.34 20.40
C ASP F 31 4.49 8.79 19.34
N ALA F 32 5.14 9.68 18.60
CA ALA F 32 6.10 9.25 17.59
C ALA F 32 7.28 8.52 18.19
N GLY F 33 7.51 8.68 19.50
CA GLY F 33 8.58 8.03 20.22
C GLY F 33 8.55 6.52 20.15
N ARG F 34 9.42 5.89 20.94
CA ARG F 34 9.55 4.45 20.92
C ARG F 34 8.95 3.80 22.16
N ILE F 35 8.29 4.57 23.02
CA ILE F 35 7.41 3.92 23.99
C ILE F 35 6.31 3.14 23.30
N GLY F 36 5.84 3.60 22.14
CA GLY F 36 4.87 2.85 21.38
C GLY F 36 3.44 2.99 21.85
N ARG F 37 3.12 4.04 22.58
CA ARG F 37 1.74 4.31 22.97
C ARG F 37 1.35 5.65 22.39
N LEU F 38 0.10 5.73 21.96
CA LEU F 38 -0.43 6.90 21.28
C LEU F 38 -1.60 7.37 22.10
N VAL F 39 -1.61 8.64 22.44
CA VAL F 39 -2.69 9.13 23.28
C VAL F 39 -3.87 9.46 22.39
N LEU F 40 -4.97 8.76 22.61
CA LEU F 40 -6.13 9.23 21.86
C LEU F 40 -6.80 10.27 22.72
N PRO F 41 -7.17 11.43 22.18
CA PRO F 41 -7.92 12.40 22.99
C PRO F 41 -9.21 11.77 23.49
N LYS F 42 -9.50 11.98 24.77
CA LYS F 42 -10.55 11.19 25.40
C LYS F 42 -11.90 11.46 24.73
N ALA F 43 -12.11 12.68 24.24
CA ALA F 43 -13.33 12.98 23.49
C ALA F 43 -13.47 12.08 22.28
N CYS F 44 -12.41 11.98 21.47
CA CYS F 44 -12.47 11.16 20.27
C CYS F 44 -12.50 9.69 20.61
N ALA F 45 -11.69 9.28 21.59
CA ALA F 45 -11.60 7.88 21.96
C ALA F 45 -12.96 7.36 22.42
N GLU F 46 -13.68 8.15 23.19
CA GLU F 46 -15.00 7.69 23.59
C GLU F 46 -16.03 7.93 22.50
N ALA F 47 -15.77 8.88 21.61
CA ALA F 47 -16.72 9.19 20.54
C ALA F 47 -16.76 8.11 19.45
N TYR F 48 -15.61 7.47 19.13
CA TYR F 48 -15.53 6.66 17.91
C TYR F 48 -15.03 5.23 18.11
N PHE F 49 -14.22 5.01 19.11
CA PHE F 49 -13.73 3.64 19.28
C PHE F 49 -14.73 2.85 20.13
N PRO F 50 -14.70 1.52 20.09
CA PRO F 50 -15.67 0.76 20.86
C PRO F 50 -15.52 1.08 22.34
N PRO F 51 -16.63 1.15 23.07
CA PRO F 51 -16.55 1.45 24.50
C PRO F 51 -15.93 0.28 25.25
N ILE F 52 -15.14 0.62 26.26
CA ILE F 52 -14.43 -0.34 27.09
C ILE F 52 -14.75 0.00 28.54
N SER F 53 -15.00 -1.03 29.35
CA SER F 53 -15.26 -0.74 30.75
C SER F 53 -13.99 -0.68 31.58
N GLN F 54 -13.03 -1.54 31.28
CA GLN F 54 -12.01 -1.94 32.21
C GLN F 54 -10.62 -1.57 31.69
N SER F 55 -9.72 -1.19 32.62
CA SER F 55 -8.40 -0.69 32.29
C SER F 55 -7.69 -1.56 31.27
N GLU F 56 -7.47 -2.84 31.61
CA GLU F 56 -7.09 -3.86 30.65
C GLU F 56 -7.88 -3.66 29.36
N GLY F 57 -7.25 -3.26 28.27
CA GLY F 57 -8.02 -2.85 27.12
C GLY F 57 -8.52 -4.05 26.33
N ILE F 58 -8.96 -3.76 25.10
CA ILE F 58 -9.31 -4.78 24.11
C ILE F 58 -8.28 -4.69 23.00
N PRO F 59 -7.98 -5.76 22.25
CA PRO F 59 -7.19 -5.57 21.03
C PRO F 59 -8.03 -4.89 19.99
N LEU F 60 -7.38 -4.04 19.21
CA LEU F 60 -8.03 -3.25 18.17
C LEU F 60 -7.25 -3.47 16.89
N LYS F 61 -7.97 -3.62 15.79
CA LYS F 61 -7.37 -3.82 14.48
C LYS F 61 -7.69 -2.63 13.59
N ILE F 62 -6.68 -2.17 12.91
CA ILE F 62 -6.72 -0.93 12.15
C ILE F 62 -6.03 -1.24 10.85
N GLN F 63 -6.66 -0.91 9.75
CA GLN F 63 -6.00 -1.13 8.48
C GLN F 63 -5.26 0.14 8.13
N ASP F 64 -4.16 -0.02 7.42
CA ASP F 64 -3.52 1.20 6.94
C ASP F 64 -3.95 1.50 5.51
N VAL F 65 -3.51 2.66 5.04
CA VAL F 65 -3.91 3.16 3.73
C VAL F 65 -3.45 2.23 2.60
N ARG F 66 -2.48 1.37 2.84
CA ARG F 66 -1.98 0.48 1.79
C ARG F 66 -2.50 -0.94 1.95
N GLY F 67 -3.39 -1.19 2.91
CA GLY F 67 -4.08 -2.45 3.01
C GLY F 67 -3.50 -3.45 3.98
N ARG F 68 -2.52 -3.06 4.80
CA ARG F 68 -1.92 -3.93 5.80
C ARG F 68 -2.64 -3.78 7.13
N GLU F 69 -2.90 -4.91 7.80
CA GLU F 69 -3.58 -4.86 9.09
C GLU F 69 -2.59 -4.73 10.22
N TRP F 70 -2.94 -3.88 11.18
CA TRP F 70 -2.17 -3.74 12.40
C TRP F 70 -3.09 -3.98 13.57
N THR F 71 -2.52 -4.54 14.64
CA THR F 71 -3.26 -4.74 15.87
C THR F 71 -2.53 -4.00 16.99
N PHE F 72 -3.22 -3.03 17.58
CA PHE F 72 -2.75 -2.31 18.75
C PHE F 72 -3.63 -2.69 19.93
N GLN F 73 -3.20 -2.38 21.16
CA GLN F 73 -4.07 -2.53 22.32
C GLN F 73 -4.78 -1.22 22.58
N PHE F 74 -6.12 -1.24 22.54
CA PHE F 74 -6.91 -0.07 22.87
C PHE F 74 -7.25 -0.12 24.33
N ARG F 75 -6.85 0.90 25.07
CA ARG F 75 -6.80 0.73 26.51
C ARG F 75 -6.91 2.11 27.15
N TYR F 76 -7.26 2.13 28.44
CA TYR F 76 -7.15 3.40 29.16
C TYR F 76 -6.36 3.20 30.44
N TRP F 77 -6.05 4.34 31.07
CA TRP F 77 -5.40 4.55 32.33
C TRP F 77 -6.27 5.42 33.22
N PRO F 78 -6.44 5.10 34.49
CA PRO F 78 -7.03 6.07 35.40
C PRO F 78 -6.15 7.32 35.44
N ASN F 79 -6.81 8.47 35.43
CA ASN F 79 -6.08 9.73 35.54
C ASN F 79 -7.03 10.69 36.25
N ASN F 80 -6.67 11.04 37.48
CA ASN F 80 -7.53 11.79 38.40
C ASN F 80 -8.84 11.01 38.48
N ASN F 81 -9.99 11.62 38.24
CA ASN F 81 -11.22 10.84 38.27
C ASN F 81 -11.59 10.28 36.91
N SER F 82 -11.11 10.88 35.83
CA SER F 82 -11.52 10.47 34.50
C SER F 82 -10.46 9.58 33.89
N ARG F 83 -10.65 9.20 32.63
CA ARG F 83 -9.74 8.27 31.99
C ARG F 83 -8.83 8.99 31.00
N MET F 84 -7.71 8.34 30.70
CA MET F 84 -6.79 8.73 29.66
C MET F 84 -6.58 7.53 28.75
N TYR F 85 -6.84 7.68 27.44
CA TYR F 85 -6.88 6.55 26.52
C TYR F 85 -5.62 6.49 25.64
N VAL F 86 -5.21 5.26 25.31
CA VAL F 86 -4.01 5.01 24.53
C VAL F 86 -4.24 3.85 23.57
N LEU F 87 -3.48 3.85 22.48
CA LEU F 87 -3.24 2.68 21.66
C LEU F 87 -1.80 2.24 21.93
N GLU F 88 -1.62 0.96 22.24
CA GLU F 88 -0.26 0.47 22.49
C GLU F 88 0.24 -0.42 21.39
N GLY F 89 1.55 -0.35 21.18
CA GLY F 89 2.22 -1.10 20.13
C GLY F 89 2.30 -0.40 18.80
N VAL F 90 2.36 0.94 18.80
CA VAL F 90 2.31 1.67 17.54
C VAL F 90 3.69 1.90 16.94
N THR F 91 4.77 1.62 17.65
CA THR F 91 6.08 2.05 17.16
C THR F 91 6.41 1.50 15.78
N PRO F 92 6.23 0.20 15.51
CA PRO F 92 6.43 -0.28 14.13
C PRO F 92 5.53 0.40 13.10
N CYS F 93 4.25 0.61 13.43
CA CYS F 93 3.33 1.21 12.47
C CYS F 93 3.69 2.67 12.21
N ILE F 94 3.85 3.46 13.27
CA ILE F 94 4.26 4.86 13.16
C ILE F 94 5.53 4.97 12.35
N GLN F 95 6.54 4.15 12.69
CA GLN F 95 7.76 4.15 11.90
C GLN F 95 7.48 3.77 10.47
N SER F 96 6.50 2.89 10.25
CA SER F 96 6.21 2.43 8.90
C SER F 96 5.80 3.58 8.00
N MET F 97 4.99 4.49 8.52
CA MET F 97 4.56 5.61 7.72
C MET F 97 5.60 6.71 7.70
N MET F 98 6.78 6.44 8.21
CA MET F 98 7.84 7.43 8.23
C MET F 98 7.39 8.69 8.94
N LEU F 99 6.63 8.53 10.02
CA LEU F 99 6.19 9.71 10.72
C LEU F 99 7.08 9.98 11.93
N GLN F 100 6.99 11.22 12.40
CA GLN F 100 7.78 11.75 13.50
C GLN F 100 6.89 12.76 14.20
N ALA F 101 7.42 13.38 15.24
CA ALA F 101 6.56 14.26 16.02
C ALA F 101 6.11 15.42 15.16
N GLY F 102 4.88 15.86 15.38
CA GLY F 102 4.31 16.94 14.61
C GLY F 102 3.58 16.54 13.34
N ASP F 103 3.78 15.32 12.82
CA ASP F 103 2.92 14.82 11.75
C ASP F 103 1.52 14.52 12.30
N THR F 104 0.62 14.14 11.40
CA THR F 104 -0.76 13.93 11.80
C THR F 104 -1.19 12.52 11.42
N VAL F 105 -1.90 11.87 12.34
CA VAL F 105 -2.53 10.58 12.12
C VAL F 105 -4.05 10.79 12.06
N THR F 106 -4.74 10.11 11.12
CA THR F 106 -6.18 10.25 10.96
C THR F 106 -6.88 8.89 10.99
N PHE F 107 -8.10 8.87 11.53
CA PHE F 107 -8.89 7.65 11.58
C PHE F 107 -10.22 7.84 10.87
N SER F 108 -10.57 6.85 10.02
CA SER F 108 -11.81 6.79 9.25
C SER F 108 -12.45 5.42 9.46
N ARG F 109 -13.72 5.29 9.05
CA ARG F 109 -14.51 4.08 9.26
C ARG F 109 -15.14 3.66 7.93
N VAL F 110 -14.58 2.64 7.30
CA VAL F 110 -15.11 2.13 6.04
C VAL F 110 -16.24 1.15 6.29
N ASP F 111 -17.34 1.37 5.59
CA ASP F 111 -18.57 0.59 5.62
C ASP F 111 -18.77 0.17 4.17
N PRO F 112 -19.27 -1.05 3.92
CA PRO F 112 -19.77 -1.99 4.93
C PRO F 112 -18.70 -2.68 5.74
N GLY F 113 -18.97 -2.98 7.01
CA GLY F 113 -18.04 -3.70 7.86
C GLY F 113 -17.50 -2.90 9.02
N GLY F 114 -17.64 -1.57 9.01
CA GLY F 114 -17.23 -0.78 10.15
C GLY F 114 -15.76 -0.88 10.47
N LYS F 115 -14.93 -1.12 9.46
CA LYS F 115 -13.50 -1.25 9.62
C LYS F 115 -12.81 0.10 9.84
N LEU F 116 -11.77 0.12 10.67
CA LEU F 116 -11.05 1.35 10.96
C LEU F 116 -9.85 1.47 10.03
N ILE F 117 -9.66 2.66 9.48
CA ILE F 117 -8.55 2.94 8.60
C ILE F 117 -7.75 4.04 9.25
N MET F 118 -6.43 3.87 9.28
CA MET F 118 -5.60 4.91 9.83
C MET F 118 -4.73 5.44 8.70
N GLY F 119 -4.70 6.75 8.56
CA GLY F 119 -3.84 7.37 7.59
C GLY F 119 -3.02 8.45 8.24
N SER F 120 -2.32 9.25 7.44
CA SER F 120 -1.38 10.17 8.04
C SER F 120 -0.86 11.16 7.03
N ARG F 121 -0.86 12.45 7.36
CA ARG F 121 -0.16 13.43 6.55
C ARG F 121 0.98 14.08 7.31
N LYS F 122 2.12 14.24 6.62
CA LYS F 122 3.32 14.78 7.26
C LYS F 122 3.17 16.28 7.50
N ALA F 123 4.01 16.77 8.40
CA ALA F 123 3.96 18.15 8.85
C ALA F 123 4.18 19.08 7.66
N ALA F 124 3.74 20.33 7.82
CA ALA F 124 3.64 21.25 6.70
C ALA F 124 4.96 21.41 5.96
N ASN F 125 6.09 21.18 6.64
CA ASN F 125 7.39 21.18 5.96
C ASN F 125 7.95 19.75 5.89
N LEU I 15 1.75 -9.39 -24.66
CA LEU I 15 2.71 -9.03 -23.61
C LEU I 15 2.59 -9.84 -22.30
N ASN I 16 3.74 -10.20 -21.72
CA ASN I 16 3.77 -10.93 -20.45
C ASN I 16 5.09 -10.69 -19.74
N LEU I 17 5.02 -10.31 -18.47
CA LEU I 17 6.15 -9.84 -17.68
C LEU I 17 6.59 -10.88 -16.66
N ASN I 18 7.85 -10.78 -16.26
CA ASN I 18 8.51 -11.77 -15.43
C ASN I 18 9.50 -11.06 -14.51
N ILE I 19 9.50 -11.47 -13.26
CA ILE I 19 10.41 -10.91 -12.26
C ILE I 19 11.70 -11.71 -12.30
N VAL I 20 12.82 -11.01 -12.40
CA VAL I 20 14.14 -11.61 -12.45
C VAL I 20 14.92 -11.16 -11.24
N PRO I 21 15.45 -12.05 -10.42
CA PRO I 21 16.33 -11.59 -9.35
C PRO I 21 17.66 -11.17 -9.95
N LEU I 22 18.20 -10.07 -9.42
CA LEU I 22 19.50 -9.57 -9.83
C LEU I 22 20.53 -9.95 -8.78
N PHE I 23 20.42 -9.42 -7.58
CA PHE I 23 21.46 -9.71 -6.62
C PHE I 23 21.00 -9.35 -5.24
N GLU I 24 21.92 -9.55 -4.30
CA GLU I 24 21.51 -9.64 -2.93
C GLU I 24 22.62 -8.98 -2.11
N LYS I 25 22.32 -8.41 -0.96
CA LYS I 25 23.40 -7.95 -0.07
C LYS I 25 22.93 -8.15 1.35
N THR I 26 23.79 -8.73 2.17
CA THR I 26 23.46 -8.86 3.57
C THR I 26 24.05 -7.66 4.29
N LEU I 27 23.22 -7.00 5.09
CA LEU I 27 23.57 -5.70 5.65
C LEU I 27 24.71 -5.77 6.65
N SER I 28 25.72 -4.95 6.40
CA SER I 28 26.78 -4.70 7.34
C SER I 28 26.26 -3.77 8.42
N ALA I 29 26.98 -3.72 9.53
CA ALA I 29 26.64 -2.76 10.57
C ALA I 29 26.67 -1.34 10.01
N SER I 30 27.56 -1.08 9.04
CA SER I 30 27.66 0.27 8.48
C SER I 30 26.50 0.55 7.56
N ASP I 31 26.15 -0.46 6.79
CA ASP I 31 25.08 -0.39 5.84
C ASP I 31 23.83 -0.13 6.61
N ALA I 32 23.69 -0.79 7.73
CA ALA I 32 22.47 -0.64 8.44
C ALA I 32 22.34 0.69 9.15
N GLY I 33 21.37 1.43 8.69
CA GLY I 33 21.06 2.70 9.26
C GLY I 33 22.05 3.81 9.33
N ARG I 34 22.17 4.30 10.56
CA ARG I 34 22.93 5.46 11.01
C ARG I 34 23.41 6.41 9.95
N ILE I 35 24.51 6.07 9.30
CA ILE I 35 25.03 6.94 8.27
C ILE I 35 24.12 7.12 7.09
N GLY I 36 23.39 6.09 6.71
CA GLY I 36 22.51 6.24 5.56
C GLY I 36 22.98 5.78 4.20
N ARG I 37 24.03 5.00 4.19
CA ARG I 37 24.54 4.49 2.97
C ARG I 37 24.72 3.00 3.06
N LEU I 38 24.56 2.35 1.93
CA LEU I 38 24.69 0.92 1.75
C LEU I 38 25.74 0.63 0.70
N VAL I 39 26.74 -0.17 1.05
CA VAL I 39 27.76 -0.51 0.08
C VAL I 39 27.24 -1.68 -0.74
N LEU I 40 27.19 -1.48 -2.02
CA LEU I 40 26.78 -2.46 -3.00
C LEU I 40 27.99 -3.28 -3.42
N PRO I 41 27.86 -4.60 -3.51
CA PRO I 41 28.94 -5.37 -4.11
C PRO I 41 29.13 -4.86 -5.52
N LYS I 42 30.36 -4.49 -5.81
CA LYS I 42 30.71 -3.76 -7.00
C LYS I 42 30.53 -4.56 -8.30
N ALA I 43 30.72 -5.86 -8.24
CA ALA I 43 30.40 -6.70 -9.38
C ALA I 43 28.94 -6.56 -9.73
N CYS I 44 28.09 -6.70 -8.72
CA CYS I 44 26.65 -6.61 -8.89
C CYS I 44 26.21 -5.20 -9.26
N ALA I 45 26.81 -4.18 -8.62
CA ALA I 45 26.40 -2.80 -8.88
C ALA I 45 26.58 -2.41 -10.33
N GLU I 46 27.71 -2.80 -10.93
CA GLU I 46 27.81 -2.45 -12.35
C GLU I 46 27.13 -3.49 -13.24
N ALA I 47 26.92 -4.70 -12.71
CA ALA I 47 26.29 -5.76 -13.49
C ALA I 47 24.80 -5.51 -13.73
N TYR I 48 24.09 -4.94 -12.76
CA TYR I 48 22.64 -4.88 -12.81
C TYR I 48 22.08 -3.47 -12.70
N PHE I 49 22.75 -2.62 -12.04
CA PHE I 49 22.40 -1.23 -11.92
C PHE I 49 23.03 -0.44 -13.06
N PRO I 50 22.56 0.80 -13.26
CA PRO I 50 23.08 1.61 -14.36
C PRO I 50 24.58 1.75 -14.28
N PRO I 51 25.29 1.78 -15.42
CA PRO I 51 26.71 2.14 -15.42
C PRO I 51 26.83 3.65 -15.25
N ILE I 52 27.76 4.10 -14.38
CA ILE I 52 28.03 5.52 -14.13
C ILE I 52 29.55 5.75 -14.12
N SER I 53 30.04 6.79 -14.81
CA SER I 53 31.41 7.27 -14.57
C SER I 53 31.45 8.52 -13.73
N GLN I 54 30.30 9.17 -13.60
CA GLN I 54 30.28 10.46 -12.94
C GLN I 54 30.44 10.24 -11.45
N SER I 55 31.22 11.11 -10.82
CA SER I 55 31.62 10.97 -9.42
C SER I 55 30.46 10.64 -8.51
N GLU I 56 29.63 11.65 -8.25
CA GLU I 56 28.30 11.44 -7.70
C GLU I 56 27.40 11.01 -8.85
N GLY I 57 27.02 9.73 -8.86
CA GLY I 57 26.29 9.16 -9.98
C GLY I 57 24.81 9.51 -9.98
N ILE I 58 24.05 8.72 -10.73
CA ILE I 58 22.62 8.93 -10.88
C ILE I 58 21.80 8.63 -9.62
N PRO I 59 20.60 9.22 -9.50
CA PRO I 59 19.61 8.71 -8.55
C PRO I 59 18.87 7.48 -9.10
N LEU I 60 18.54 6.57 -8.17
CA LEU I 60 17.79 5.35 -8.48
C LEU I 60 16.52 5.31 -7.66
N LYS I 61 15.50 4.84 -8.36
CA LYS I 61 14.12 4.74 -7.89
C LYS I 61 13.70 3.28 -7.91
N ILE I 62 13.27 2.75 -6.77
CA ILE I 62 12.99 1.31 -6.69
C ILE I 62 11.83 1.09 -5.73
N GLN I 63 10.83 0.31 -6.18
CA GLN I 63 9.65 -0.03 -5.39
C GLN I 63 9.88 -1.36 -4.66
N ASP I 64 9.14 -1.57 -3.57
CA ASP I 64 9.11 -2.90 -3.00
C ASP I 64 7.82 -3.58 -3.46
N VAL I 65 7.62 -4.83 -3.00
CA VAL I 65 6.48 -5.65 -3.44
C VAL I 65 5.14 -4.96 -3.15
N ARG I 66 5.08 -4.02 -2.19
CA ARG I 66 3.84 -3.31 -1.87
C ARG I 66 3.76 -1.95 -2.52
N GLY I 67 4.46 -1.74 -3.62
CA GLY I 67 4.42 -0.47 -4.30
C GLY I 67 5.08 0.69 -3.58
N ARG I 68 5.75 0.44 -2.45
CA ARG I 68 6.40 1.52 -1.72
C ARG I 68 7.63 2.00 -2.45
N GLU I 69 7.59 3.23 -2.96
CA GLU I 69 8.72 3.78 -3.69
C GLU I 69 9.80 4.26 -2.76
N TRP I 70 11.05 4.04 -3.17
CA TRP I 70 12.18 4.65 -2.50
C TRP I 70 13.09 5.29 -3.53
N THR I 71 13.75 6.37 -3.07
CA THR I 71 14.72 7.08 -3.90
C THR I 71 16.06 7.11 -3.20
N PHE I 72 17.04 6.44 -3.77
CA PHE I 72 18.41 6.45 -3.31
C PHE I 72 19.24 7.22 -4.32
N GLN I 73 20.41 7.64 -3.87
CA GLN I 73 21.42 8.13 -4.78
C GLN I 73 22.40 6.98 -5.02
N PHE I 74 22.52 6.59 -6.27
CA PHE I 74 23.48 5.56 -6.65
C PHE I 74 24.76 6.27 -7.06
N ARG I 75 25.87 5.90 -6.40
CA ARG I 75 27.04 6.74 -6.29
C ARG I 75 28.26 5.86 -6.29
N TYR I 76 29.39 6.47 -6.58
CA TYR I 76 30.62 5.77 -6.30
C TYR I 76 31.55 6.64 -5.44
N TRP I 77 32.61 5.98 -4.98
CA TRP I 77 33.75 6.59 -4.34
C TRP I 77 34.99 6.12 -5.07
N PRO I 78 35.86 7.04 -5.44
CA PRO I 78 37.02 6.39 -6.03
C PRO I 78 37.64 5.64 -4.90
N ASN I 79 38.02 4.39 -5.09
CA ASN I 79 38.68 3.68 -4.02
C ASN I 79 39.84 3.14 -4.72
N ASN I 80 41.03 3.65 -4.39
CA ASN I 80 42.27 3.27 -5.04
C ASN I 80 42.07 3.46 -6.52
N ASN I 81 42.43 2.44 -7.26
CA ASN I 81 42.29 2.40 -8.70
C ASN I 81 40.88 2.37 -9.22
N SER I 82 40.03 1.64 -8.54
CA SER I 82 38.68 1.36 -9.01
C SER I 82 37.69 2.08 -8.08
N ARG I 83 36.39 1.81 -8.22
CA ARG I 83 35.39 2.52 -7.44
C ARG I 83 34.81 1.69 -6.30
N MET I 84 34.04 2.35 -5.45
CA MET I 84 33.28 1.68 -4.41
C MET I 84 31.84 2.14 -4.54
N TYR I 85 30.91 1.21 -4.66
CA TYR I 85 29.56 1.64 -4.98
C TYR I 85 28.69 1.71 -3.74
N VAL I 86 27.80 2.70 -3.75
CA VAL I 86 26.91 2.95 -2.63
C VAL I 86 25.53 3.33 -3.13
N LEU I 87 24.56 2.99 -2.29
CA LEU I 87 23.26 3.61 -2.30
C LEU I 87 23.24 4.54 -1.10
N GLU I 88 22.98 5.81 -1.36
CA GLU I 88 22.87 6.82 -0.33
C GLU I 88 21.42 7.17 -0.10
N GLY I 89 21.10 7.51 1.14
CA GLY I 89 19.75 7.88 1.44
C GLY I 89 18.92 6.68 1.77
N VAL I 90 19.51 5.67 2.39
CA VAL I 90 18.81 4.42 2.60
C VAL I 90 18.03 4.34 3.90
N THR I 91 18.28 5.23 4.86
CA THR I 91 17.81 5.01 6.23
C THR I 91 16.29 4.86 6.36
N PRO I 92 15.47 5.69 5.72
CA PRO I 92 14.01 5.43 5.77
C PRO I 92 13.68 4.03 5.30
N CYS I 93 14.27 3.60 4.19
CA CYS I 93 13.91 2.30 3.64
C CYS I 93 14.24 1.17 4.59
N ILE I 94 15.45 1.18 5.16
CA ILE I 94 15.82 0.10 6.05
C ILE I 94 14.84 0.03 7.20
N GLN I 95 14.71 1.12 7.95
CA GLN I 95 13.88 0.99 9.15
C GLN I 95 12.58 1.77 9.08
N SER I 96 12.10 2.06 7.87
CA SER I 96 10.66 2.06 7.64
C SER I 96 10.17 0.65 7.33
N MET I 97 11.06 -0.21 6.81
CA MET I 97 10.83 -1.65 6.72
C MET I 97 11.35 -2.38 7.93
N MET I 98 11.84 -1.65 8.92
CA MET I 98 12.23 -2.21 10.20
C MET I 98 13.11 -3.44 9.99
N LEU I 99 14.34 -3.16 9.59
CA LEU I 99 15.31 -4.23 9.41
C LEU I 99 16.67 -3.74 9.87
N GLN I 100 17.32 -4.49 10.74
CA GLN I 100 18.60 -4.15 11.32
C GLN I 100 19.72 -5.00 10.71
N ALA I 101 20.90 -4.87 11.31
CA ALA I 101 22.16 -5.36 10.75
C ALA I 101 22.22 -6.87 10.69
N GLY I 102 22.94 -7.38 9.67
CA GLY I 102 23.15 -8.80 9.47
C GLY I 102 22.08 -9.51 8.66
N ASP I 103 20.88 -8.95 8.58
CA ASP I 103 19.87 -9.45 7.67
C ASP I 103 20.23 -9.06 6.22
N THR I 104 19.40 -9.48 5.26
CA THR I 104 19.71 -9.29 3.83
C THR I 104 18.62 -8.55 3.08
N VAL I 105 19.04 -7.63 2.21
CA VAL I 105 18.17 -6.92 1.27
C VAL I 105 18.42 -7.45 -0.14
N THR I 106 17.36 -7.56 -0.93
CA THR I 106 17.42 -8.20 -2.24
C THR I 106 16.98 -7.23 -3.33
N PHE I 107 17.54 -7.40 -4.51
CA PHE I 107 17.16 -6.61 -5.66
C PHE I 107 16.78 -7.54 -6.80
N SER I 108 15.66 -7.22 -7.42
CA SER I 108 15.11 -7.93 -8.55
C SER I 108 14.68 -6.93 -9.60
N ARG I 109 14.16 -7.46 -10.70
CA ARG I 109 13.90 -6.65 -11.88
C ARG I 109 12.69 -7.19 -12.63
N VAL I 110 11.85 -6.30 -13.14
CA VAL I 110 10.69 -6.68 -13.93
C VAL I 110 11.06 -6.46 -15.39
N ASP I 111 10.95 -7.52 -16.18
CA ASP I 111 11.25 -7.49 -17.61
C ASP I 111 10.04 -8.00 -18.38
N PRO I 112 9.76 -7.35 -19.51
CA PRO I 112 10.50 -6.24 -20.11
C PRO I 112 10.24 -4.90 -19.39
N GLY I 113 11.19 -3.97 -19.46
CA GLY I 113 11.03 -2.70 -18.79
C GLY I 113 12.06 -2.44 -17.71
N GLY I 114 12.82 -3.45 -17.29
CA GLY I 114 13.95 -3.19 -16.40
C GLY I 114 13.58 -2.51 -15.10
N LYS I 115 12.36 -2.72 -14.61
CA LYS I 115 11.97 -2.07 -13.37
C LYS I 115 12.70 -2.69 -12.20
N LEU I 116 13.13 -1.87 -11.25
CA LEU I 116 13.85 -2.38 -10.09
C LEU I 116 12.84 -2.58 -8.97
N ILE I 117 12.86 -3.75 -8.35
CA ILE I 117 12.05 -3.97 -7.17
C ILE I 117 12.93 -4.64 -6.11
N MET I 118 12.73 -4.28 -4.88
CA MET I 118 13.57 -4.81 -3.83
C MET I 118 12.76 -5.62 -2.83
N GLY I 119 13.43 -6.61 -2.25
CA GLY I 119 12.85 -7.40 -1.21
C GLY I 119 13.83 -7.42 -0.06
N SER I 120 13.59 -8.29 0.92
CA SER I 120 14.36 -8.28 2.15
C SER I 120 14.04 -9.54 2.93
N ARG I 121 15.05 -10.33 3.25
CA ARG I 121 14.90 -11.50 4.10
C ARG I 121 15.74 -11.36 5.36
N LYS I 122 15.11 -11.62 6.51
CA LYS I 122 15.72 -11.56 7.83
C LYS I 122 16.53 -12.84 8.07
N ALA I 123 17.44 -12.77 9.04
CA ALA I 123 18.43 -13.84 9.20
C ALA I 123 17.76 -15.19 9.45
N ALA I 124 18.49 -16.26 9.08
CA ALA I 124 17.92 -17.60 9.06
C ALA I 124 17.47 -18.08 10.44
N ASN I 125 18.01 -17.51 11.52
CA ASN I 125 17.61 -17.87 12.88
C ASN I 125 16.77 -16.75 13.51
N LEU J 15 -9.11 17.17 16.89
CA LEU J 15 -9.80 17.77 15.73
C LEU J 15 -10.82 16.82 15.04
N ASN J 16 -11.95 17.37 14.62
CA ASN J 16 -13.03 16.60 14.00
C ASN J 16 -13.18 16.90 12.51
N LEU J 17 -13.44 15.85 11.73
CA LEU J 17 -13.37 15.88 10.27
C LEU J 17 -14.73 15.83 9.60
N ASN J 18 -14.74 16.35 8.37
CA ASN J 18 -15.93 16.63 7.59
C ASN J 18 -15.68 16.27 6.13
N ILE J 19 -16.59 15.46 5.53
CA ILE J 19 -16.57 15.23 4.08
C ILE J 19 -17.54 16.17 3.38
N VAL J 20 -17.06 16.82 2.32
CA VAL J 20 -17.88 17.69 1.49
C VAL J 20 -17.93 17.09 0.10
N PRO J 21 -19.11 16.85 -0.47
CA PRO J 21 -19.16 16.34 -1.84
C PRO J 21 -18.81 17.42 -2.84
N LEU J 22 -18.01 17.04 -3.84
CA LEU J 22 -17.53 17.97 -4.85
C LEU J 22 -18.27 17.79 -6.16
N PHE J 23 -18.13 16.63 -6.79
CA PHE J 23 -18.79 16.51 -8.08
C PHE J 23 -18.83 15.04 -8.48
N GLU J 24 -19.56 14.78 -9.56
CA GLU J 24 -19.78 13.43 -10.05
C GLU J 24 -19.59 13.41 -11.56
N LYS J 25 -19.32 12.21 -12.03
CA LYS J 25 -19.18 11.90 -13.44
C LYS J 25 -19.84 10.55 -13.63
N THR J 26 -20.54 10.40 -14.74
CA THR J 26 -21.05 9.10 -15.12
C THR J 26 -20.03 8.49 -16.05
N LEU J 27 -19.58 7.28 -15.74
CA LEU J 27 -18.47 6.73 -16.48
C LEU J 27 -18.90 6.48 -17.91
N SER J 28 -18.10 6.99 -18.84
CA SER J 28 -18.26 6.74 -20.25
C SER J 28 -17.69 5.38 -20.61
N ALA J 29 -18.09 4.87 -21.77
CA ALA J 29 -17.50 3.64 -22.26
C ALA J 29 -15.99 3.77 -22.38
N SER J 30 -15.49 4.98 -22.62
CA SER J 30 -14.05 5.14 -22.71
C SER J 30 -13.36 5.19 -21.33
N ASP J 31 -14.06 5.64 -20.29
CA ASP J 31 -13.47 5.74 -18.95
C ASP J 31 -12.96 4.37 -18.47
N ALA J 32 -11.81 4.40 -17.78
CA ALA J 32 -11.14 3.22 -17.20
C ALA J 32 -10.75 2.32 -18.37
N GLY J 33 -11.13 1.04 -18.36
CA GLY J 33 -10.89 0.18 -19.50
C GLY J 33 -9.43 -0.07 -19.74
N ARG J 34 -9.10 -0.37 -20.99
CA ARG J 34 -7.76 -0.84 -21.30
C ARG J 34 -6.73 0.27 -21.11
N ILE J 35 -7.08 1.49 -21.53
CA ILE J 35 -6.17 2.63 -21.43
C ILE J 35 -6.17 3.22 -20.03
N GLY J 36 -7.28 3.16 -19.31
CA GLY J 36 -7.17 3.49 -17.91
C GLY J 36 -7.23 4.94 -17.54
N ARG J 37 -7.85 5.78 -18.36
CA ARG J 37 -7.95 7.19 -18.02
C ARG J 37 -9.39 7.54 -17.73
N LEU J 38 -9.56 8.48 -16.81
CA LEU J 38 -10.86 8.96 -16.41
C LEU J 38 -10.88 10.42 -16.83
N VAL J 39 -11.84 10.75 -17.69
CA VAL J 39 -11.98 12.10 -18.22
C VAL J 39 -12.77 12.91 -17.23
N LEU J 40 -12.16 14.01 -16.74
CA LEU J 40 -12.72 14.97 -15.82
C LEU J 40 -13.29 16.17 -16.54
N PRO J 41 -14.50 16.57 -16.17
CA PRO J 41 -15.04 17.82 -16.69
C PRO J 41 -14.14 19.01 -16.30
N LYS J 42 -13.84 19.86 -17.28
CA LYS J 42 -12.80 20.88 -17.14
C LYS J 42 -13.13 21.87 -16.03
N ALA J 43 -14.42 22.19 -15.89
CA ALA J 43 -14.85 23.04 -14.79
C ALA J 43 -14.48 22.42 -13.46
N CYS J 44 -14.76 21.12 -13.29
CA CYS J 44 -14.50 20.48 -12.02
C CYS J 44 -13.01 20.31 -11.77
N ALA J 45 -12.23 19.95 -12.80
CA ALA J 45 -10.80 19.84 -12.57
C ALA J 45 -10.21 21.19 -12.14
N GLU J 46 -10.65 22.29 -12.75
CA GLU J 46 -10.01 23.52 -12.32
C GLU J 46 -10.58 24.06 -11.01
N ALA J 47 -11.84 23.72 -10.69
CA ALA J 47 -12.44 24.21 -9.44
C ALA J 47 -11.86 23.50 -8.22
N TYR J 48 -11.58 22.21 -8.36
CA TYR J 48 -11.33 21.36 -7.22
C TYR J 48 -9.98 20.69 -7.25
N PHE J 49 -9.44 20.41 -8.37
CA PHE J 49 -8.13 19.78 -8.28
C PHE J 49 -7.05 20.87 -8.27
N PRO J 50 -5.86 20.54 -7.78
CA PRO J 50 -4.80 21.54 -7.76
C PRO J 50 -4.58 22.09 -9.16
N PRO J 51 -4.29 23.37 -9.29
CA PRO J 51 -4.01 23.92 -10.61
C PRO J 51 -2.69 23.42 -11.19
N ILE J 52 -2.70 23.18 -12.49
CA ILE J 52 -1.53 22.70 -13.23
C ILE J 52 -1.35 23.59 -14.46
N SER J 53 -0.11 24.01 -14.72
CA SER J 53 0.27 24.83 -15.86
C SER J 53 0.81 24.02 -17.04
N GLN J 54 1.67 23.04 -16.78
CA GLN J 54 2.19 22.15 -17.79
C GLN J 54 1.28 20.92 -17.95
N SER J 55 1.08 20.44 -19.19
CA SER J 55 0.07 19.39 -19.27
C SER J 55 0.60 18.02 -18.92
N GLU J 56 1.91 17.88 -18.66
CA GLU J 56 2.42 16.70 -17.98
C GLU J 56 1.60 16.37 -16.72
N GLY J 57 1.05 17.39 -16.08
CA GLY J 57 0.35 17.33 -14.83
C GLY J 57 1.27 17.05 -13.66
N ILE J 58 0.64 16.72 -12.53
CA ILE J 58 1.30 16.36 -11.28
C ILE J 58 0.85 14.96 -10.85
N PRO J 59 1.63 14.20 -10.08
CA PRO J 59 1.05 13.03 -9.43
C PRO J 59 0.18 13.50 -8.29
N LEU J 60 -1.00 12.87 -8.17
CA LEU J 60 -2.09 13.21 -7.25
C LEU J 60 -2.44 11.96 -6.46
N LYS J 61 -2.72 12.11 -5.17
CA LYS J 61 -3.06 10.98 -4.31
C LYS J 61 -4.51 11.09 -3.85
N ILE J 62 -5.24 9.99 -3.94
CA ILE J 62 -6.69 10.02 -3.74
C ILE J 62 -7.09 8.74 -3.04
N GLN J 63 -7.90 8.88 -2.00
CA GLN J 63 -8.40 7.73 -1.27
C GLN J 63 -9.75 7.32 -1.82
N ASP J 64 -9.98 6.01 -1.92
CA ASP J 64 -11.28 5.52 -2.37
C ASP J 64 -12.16 5.13 -1.21
N VAL J 65 -13.41 4.77 -1.51
CA VAL J 65 -14.36 4.47 -0.45
C VAL J 65 -13.97 3.21 0.31
N ARG J 66 -12.89 2.56 -0.08
CA ARG J 66 -12.42 1.41 0.69
C ARG J 66 -11.33 1.77 1.69
N GLY J 67 -10.94 3.03 1.77
CA GLY J 67 -9.75 3.40 2.49
C GLY J 67 -8.48 3.37 1.68
N ARG J 68 -8.47 2.64 0.56
CA ARG J 68 -7.22 2.45 -0.17
C ARG J 68 -6.76 3.77 -0.76
N GLU J 69 -5.47 4.07 -0.62
CA GLU J 69 -4.90 5.24 -1.30
C GLU J 69 -4.32 4.78 -2.61
N TRP J 70 -4.46 5.61 -3.64
CA TRP J 70 -3.88 5.41 -4.97
C TRP J 70 -3.20 6.69 -5.40
N THR J 71 -2.23 6.56 -6.29
CA THR J 71 -1.59 7.73 -6.88
C THR J 71 -1.84 7.68 -8.39
N PHE J 72 -2.64 8.62 -8.88
CA PHE J 72 -2.91 8.74 -10.30
C PHE J 72 -2.18 9.95 -10.85
N GLN J 73 -2.03 10.00 -12.15
CA GLN J 73 -1.45 11.20 -12.76
C GLN J 73 -2.58 12.14 -13.14
N PHE J 74 -2.55 13.34 -12.60
CA PHE J 74 -3.50 14.38 -12.96
C PHE J 74 -2.87 15.17 -14.09
N ARG J 75 -3.55 15.21 -15.24
CA ARG J 75 -2.91 15.60 -16.50
C ARG J 75 -3.96 16.18 -17.43
N TYR J 76 -3.52 16.94 -18.45
CA TYR J 76 -4.42 17.34 -19.52
C TYR J 76 -3.76 17.15 -20.88
N TRP J 77 -4.59 17.37 -21.90
CA TRP J 77 -4.16 17.57 -23.26
C TRP J 77 -4.73 18.87 -23.78
N PRO J 78 -3.93 19.65 -24.50
CA PRO J 78 -4.40 20.97 -24.89
C PRO J 78 -5.66 21.01 -25.73
N ASN J 79 -5.80 20.18 -26.76
CA ASN J 79 -7.05 20.09 -27.51
C ASN J 79 -7.66 21.40 -27.91
N ASN J 80 -6.98 22.16 -28.75
CA ASN J 80 -7.29 23.53 -29.24
C ASN J 80 -6.91 24.44 -28.09
N ASN J 81 -7.52 25.61 -27.97
CA ASN J 81 -7.14 26.43 -26.85
C ASN J 81 -7.49 25.85 -25.49
N SER J 82 -8.70 25.33 -25.36
CA SER J 82 -9.17 24.77 -24.10
C SER J 82 -8.59 23.39 -23.82
N ARG J 83 -8.67 22.93 -22.59
CA ARG J 83 -8.03 21.65 -22.29
C ARG J 83 -9.02 20.52 -22.04
N MET J 84 -8.50 19.31 -22.09
CA MET J 84 -9.22 18.13 -21.62
C MET J 84 -8.39 17.48 -20.51
N TYR J 85 -9.01 17.28 -19.34
CA TYR J 85 -8.32 16.82 -18.15
C TYR J 85 -8.64 15.35 -17.87
N VAL J 86 -7.64 14.60 -17.37
CA VAL J 86 -7.76 13.18 -17.08
C VAL J 86 -7.03 12.85 -15.78
N LEU J 87 -7.50 11.76 -15.15
CA LEU J 87 -6.74 11.01 -14.17
C LEU J 87 -6.28 9.73 -14.85
N GLU J 88 -4.99 9.42 -14.78
CA GLU J 88 -4.47 8.18 -15.36
C GLU J 88 -4.10 7.17 -14.28
N GLY J 89 -4.37 5.90 -14.58
CA GLY J 89 -4.14 4.81 -13.65
C GLY J 89 -5.34 4.48 -12.80
N VAL J 90 -6.56 4.70 -13.32
CA VAL J 90 -7.77 4.51 -12.51
C VAL J 90 -8.39 3.11 -12.59
N THR J 91 -8.00 2.25 -13.55
CA THR J 91 -8.75 1.02 -13.75
C THR J 91 -8.71 0.03 -12.58
N PRO J 92 -7.57 -0.28 -11.97
CA PRO J 92 -7.69 -1.10 -10.77
C PRO J 92 -8.59 -0.50 -9.68
N CYS J 93 -8.52 0.83 -9.52
CA CYS J 93 -9.35 1.48 -8.52
C CYS J 93 -10.84 1.41 -8.87
N ILE J 94 -11.20 1.79 -10.10
CA ILE J 94 -12.60 1.73 -10.54
C ILE J 94 -13.17 0.33 -10.33
N GLN J 95 -12.46 -0.69 -10.85
CA GLN J 95 -12.93 -2.06 -10.67
C GLN J 95 -13.01 -2.44 -9.19
N SER J 96 -12.04 -1.98 -8.39
CA SER J 96 -12.13 -2.20 -6.95
C SER J 96 -13.45 -1.72 -6.37
N MET J 97 -14.02 -0.67 -6.96
CA MET J 97 -15.31 -0.23 -6.47
C MET J 97 -16.46 -0.88 -7.20
N MET J 98 -16.16 -1.80 -8.11
CA MET J 98 -17.16 -2.56 -8.84
C MET J 98 -17.98 -1.66 -9.77
N LEU J 99 -17.35 -0.63 -10.32
CA LEU J 99 -18.05 0.25 -11.24
C LEU J 99 -17.95 -0.23 -12.68
N GLN J 100 -19.06 -0.03 -13.38
CA GLN J 100 -19.17 -0.31 -14.80
C GLN J 100 -19.59 0.99 -15.46
N ALA J 101 -19.35 1.08 -16.78
CA ALA J 101 -19.84 2.23 -17.53
C ALA J 101 -21.32 2.45 -17.22
N GLY J 102 -21.71 3.71 -17.10
CA GLY J 102 -23.06 4.06 -16.75
C GLY J 102 -23.33 4.13 -15.25
N ASP J 103 -22.50 3.47 -14.44
CA ASP J 103 -22.45 3.73 -13.00
C ASP J 103 -21.84 5.11 -12.76
N THR J 104 -21.74 5.51 -11.49
CA THR J 104 -21.25 6.84 -11.20
C THR J 104 -20.03 6.83 -10.30
N VAL J 105 -19.09 7.70 -10.72
CA VAL J 105 -17.86 8.03 -10.01
C VAL J 105 -18.12 9.36 -9.29
N THR J 106 -17.71 9.44 -8.02
CA THR J 106 -17.93 10.61 -7.20
C THR J 106 -16.60 11.10 -6.62
N PHE J 107 -16.51 12.41 -6.43
CA PHE J 107 -15.37 13.04 -5.76
C PHE J 107 -15.85 13.91 -4.61
N SER J 108 -15.19 13.74 -3.46
CA SER J 108 -15.44 14.43 -2.23
C SER J 108 -14.14 14.98 -1.67
N ARG J 109 -14.28 15.85 -0.67
CA ARG J 109 -13.19 16.53 0.01
C ARG J 109 -13.38 16.33 1.49
N VAL J 110 -12.27 16.09 2.19
CA VAL J 110 -12.21 16.02 3.64
C VAL J 110 -11.59 17.30 4.16
N ASP J 111 -12.27 17.86 5.16
CA ASP J 111 -11.82 19.06 5.85
C ASP J 111 -11.75 18.79 7.34
N PRO J 112 -10.72 19.36 7.99
CA PRO J 112 -9.70 20.20 7.35
C PRO J 112 -8.65 19.38 6.59
N GLY J 113 -8.01 19.97 5.59
CA GLY J 113 -6.93 19.32 4.88
C GLY J 113 -7.21 19.07 3.43
N GLY J 114 -8.47 19.15 3.00
CA GLY J 114 -8.74 19.06 1.59
C GLY J 114 -8.32 17.76 0.97
N LYS J 115 -8.37 16.68 1.74
CA LYS J 115 -7.98 15.38 1.18
C LYS J 115 -9.06 14.94 0.21
N LEU J 116 -8.68 14.36 -0.93
CA LEU J 116 -9.65 14.00 -1.96
C LEU J 116 -10.07 12.54 -1.81
N ILE J 117 -11.37 12.30 -1.87
CA ILE J 117 -11.88 10.94 -1.80
C ILE J 117 -12.59 10.63 -3.10
N MET J 118 -12.36 9.43 -3.64
CA MET J 118 -12.97 9.01 -4.89
C MET J 118 -13.93 7.90 -4.52
N GLY J 119 -15.21 8.09 -4.82
CA GLY J 119 -16.22 7.14 -4.44
C GLY J 119 -17.11 6.71 -5.57
N SER J 120 -18.24 6.08 -5.25
CA SER J 120 -18.98 5.43 -6.31
C SER J 120 -20.36 4.97 -5.90
N ARG J 121 -21.38 5.32 -6.67
CA ARG J 121 -22.67 4.64 -6.52
C ARG J 121 -23.08 4.13 -7.89
N LYS J 122 -23.57 2.90 -7.93
CA LYS J 122 -23.94 2.28 -9.18
C LYS J 122 -25.29 2.80 -9.66
N ALA J 123 -25.51 2.67 -10.96
CA ALA J 123 -26.63 3.30 -11.66
C ALA J 123 -27.98 2.85 -11.11
N ALA J 124 -29.00 3.64 -11.47
CA ALA J 124 -30.39 3.54 -11.00
C ALA J 124 -31.05 2.19 -11.30
N ASN J 125 -30.44 1.34 -12.13
CA ASN J 125 -31.02 0.04 -12.48
C ASN J 125 -30.35 -1.13 -11.73
#